data_8WTW
#
_entry.id   8WTW
#
_cell.length_a   1.00
_cell.length_b   1.00
_cell.length_c   1.00
_cell.angle_alpha   90.00
_cell.angle_beta   90.00
_cell.angle_gamma   90.00
#
_symmetry.space_group_name_H-M   'P 1'
#
loop_
_entity.id
_entity.type
_entity.pdbx_description
1 polymer 'Sodium-dependent noradrenaline transporter'
2 polymer MrlA
3 non-polymer 'CHLORIDE ION'
4 non-polymer 'SODIUM ION'
#
loop_
_entity_poly.entity_id
_entity_poly.type
_entity_poly.pdbx_seq_one_letter_code
_entity_poly.pdbx_strand_id
1 'polypeptide(L)'
;DAQPRETWGKKIDFLLSVVGFAVDLANVWRFPYLCYKNGGGAFLIPYTLFLIIAGMPLFYMELALGQYNREGAATVWKIC
PFFKGVGYAVILIALYVGFYYNVIIAWSLYYLFSSFTLNLPWTDCGHTWNSPNCTDPKLLNGSVLGNHTKYSKYKFTPAA
EFYERGVLHLHESSGIHDIGLPQWQLLLCLMVVVIVLYFSLWKGVKTSGKVVWITATLPYFVLFVLLVHGVTLPGASNGI
NAYLHIDFYRLKEATVWIDAATQIFFSLGAGFGVLIAFASYNKFDNNCYRDALLTSSINCITSFVSGFAIFSILGYMAHE
HKVNIEDVATEGAGLVFILYPEAISTLSGSTFWAVVFFVMLLALGLDSSMGGMEAVITGLADDFQVLKRHRKLFTFGVTF
STFLLALFCITKGGIYVLTLLDTFAAGTSILFAVLMEAIGVSWFYGVDRFSNDIQQMMGFRPGLYWRLCWKFVSPAFLLF
VVVVSIINFKPLTYDDYIFPPWANWVGWGIALSSMVLVPIYVIYKFLSTQGSLWERLAYGITPENEHHLVAQRDIRQFQL
QHWLAI
;
A
2 'polypeptide(L)' YRGLCCG(0A1)KLCR(HYP)C(NH2) B
#
loop_
_chem_comp.id
_chem_comp.type
_chem_comp.name
_chem_comp.formula
CL non-polymer 'CHLORIDE ION' 'Cl -1'
NA non-polymer 'SODIUM ION' 'Na 1'
NH2 non-polymer 'AMINO GROUP' 'H2 N'
#
# COMPACT_ATOMS: atom_id res chain seq x y z
N PRO A 4 -18.60 10.77 -23.99
CA PRO A 4 -17.62 9.69 -24.22
C PRO A 4 -16.67 9.51 -23.03
N ARG A 5 -15.85 8.47 -23.07
CA ARG A 5 -14.89 8.17 -22.02
C ARG A 5 -13.48 8.40 -22.54
N GLU A 6 -12.69 9.16 -21.77
CA GLU A 6 -11.32 9.45 -22.15
C GLU A 6 -10.45 8.20 -22.07
N THR A 7 -9.35 8.24 -22.80
CA THR A 7 -8.39 7.14 -22.84
C THR A 7 -6.99 7.69 -22.63
N TRP A 8 -6.06 6.80 -22.32
CA TRP A 8 -4.67 7.20 -22.13
C TRP A 8 -4.10 7.79 -23.42
N GLY A 9 -3.33 8.87 -23.27
CA GLY A 9 -2.74 9.49 -24.44
C GLY A 9 -1.74 8.57 -25.15
N LYS A 10 -0.87 7.93 -24.38
CA LYS A 10 0.07 6.96 -24.89
C LYS A 10 0.00 5.70 -24.05
N LYS A 11 0.42 4.58 -24.65
CA LYS A 11 0.42 3.32 -23.93
C LYS A 11 1.41 3.35 -22.76
N ILE A 12 2.54 4.04 -22.95
CA ILE A 12 3.55 4.13 -21.90
C ILE A 12 3.02 4.84 -20.66
N ASP A 13 2.02 5.71 -20.82
CA ASP A 13 1.44 6.40 -19.67
C ASP A 13 0.79 5.41 -18.70
N PHE A 14 0.09 4.41 -19.23
CA PHE A 14 -0.55 3.42 -18.38
C PHE A 14 0.46 2.58 -17.63
N LEU A 15 1.56 2.21 -18.28
CA LEU A 15 2.56 1.36 -17.63
C LEU A 15 3.26 2.09 -16.49
N LEU A 16 3.59 3.36 -16.69
CA LEU A 16 4.28 4.13 -15.65
C LEU A 16 3.36 4.48 -14.50
N SER A 17 2.04 4.49 -14.71
CA SER A 17 1.11 4.76 -13.61
C SER A 17 1.01 3.55 -12.69
N VAL A 18 0.93 2.35 -13.27
CA VAL A 18 0.83 1.14 -12.46
C VAL A 18 2.12 0.91 -11.67
N VAL A 19 3.27 1.11 -12.31
CA VAL A 19 4.55 0.92 -11.65
C VAL A 19 4.72 1.93 -10.51
N GLY A 20 4.33 3.18 -10.75
CA GLY A 20 4.46 4.19 -9.72
C GLY A 20 3.63 3.90 -8.49
N PHE A 21 2.40 3.40 -8.68
CA PHE A 21 1.54 3.08 -7.55
C PHE A 21 2.05 1.86 -6.80
N ALA A 22 2.61 0.88 -7.52
CA ALA A 22 3.04 -0.37 -6.90
C ALA A 22 4.31 -0.21 -6.08
N VAL A 23 5.23 0.65 -6.52
CA VAL A 23 6.52 0.83 -5.86
C VAL A 23 6.41 2.03 -4.93
N ASP A 24 6.70 1.81 -3.64
CA ASP A 24 6.61 2.85 -2.64
C ASP A 24 7.66 2.57 -1.56
N LEU A 25 7.51 3.23 -0.40
CA LEU A 25 8.49 3.09 0.67
C LEU A 25 8.54 1.66 1.22
N ALA A 26 7.45 0.91 1.09
CA ALA A 26 7.41 -0.45 1.62
C ALA A 26 8.43 -1.35 0.93
N ASN A 27 8.75 -1.06 -0.33
CA ASN A 27 9.76 -1.84 -1.04
C ASN A 27 11.18 -1.54 -0.59
N VAL A 28 11.37 -0.50 0.22
CA VAL A 28 12.70 -0.05 0.63
C VAL A 28 12.95 -0.33 2.11
N TRP A 29 12.10 0.20 2.98
CA TRP A 29 12.36 0.16 4.42
C TRP A 29 11.79 -1.06 5.13
N ARG A 30 11.13 -1.97 4.41
CA ARG A 30 10.61 -3.18 5.03
C ARG A 30 11.20 -4.46 4.46
N PHE A 31 11.19 -4.62 3.13
CA PHE A 31 11.55 -5.91 2.55
C PHE A 31 12.97 -6.36 2.86
N PRO A 32 14.01 -5.53 2.70
CA PRO A 32 15.37 -6.02 3.00
C PRO A 32 15.55 -6.47 4.45
N TYR A 33 14.85 -5.84 5.40
CA TYR A 33 14.94 -6.28 6.78
C TYR A 33 14.32 -7.65 6.98
N LEU A 34 13.18 -7.90 6.35
CA LEU A 34 12.52 -9.20 6.46
C LEU A 34 13.38 -10.31 5.85
N CYS A 35 13.97 -10.03 4.68
CA CYS A 35 14.82 -11.04 4.02
C CYS A 35 16.03 -11.39 4.88
N TYR A 36 16.67 -10.39 5.47
CA TYR A 36 17.86 -10.63 6.29
C TYR A 36 17.50 -11.38 7.57
N LYS A 37 16.36 -11.05 8.18
CA LYS A 37 16.00 -11.64 9.45
C LYS A 37 15.47 -13.07 9.32
N ASN A 38 14.76 -13.37 8.22
CA ASN A 38 14.08 -14.66 8.14
C ASN A 38 15.01 -15.78 7.70
N GLY A 39 15.55 -15.70 6.49
CA GLY A 39 16.39 -16.76 6.00
C GLY A 39 17.50 -16.34 5.06
N GLY A 40 17.68 -15.04 4.87
CA GLY A 40 18.64 -14.55 3.89
C GLY A 40 18.23 -14.91 2.48
N GLY A 41 19.10 -15.62 1.76
CA GLY A 41 18.77 -16.02 0.40
C GLY A 41 17.75 -17.14 0.30
N ALA A 42 17.43 -17.81 1.40
CA ALA A 42 16.40 -18.83 1.39
C ALA A 42 14.99 -18.26 1.57
N PHE A 43 14.88 -16.98 1.93
CA PHE A 43 13.57 -16.34 2.02
C PHE A 43 12.94 -16.12 0.65
N LEU A 44 13.73 -16.18 -0.42
CA LEU A 44 13.21 -15.96 -1.76
C LEU A 44 12.40 -17.13 -2.29
N ILE A 45 12.46 -18.29 -1.65
CA ILE A 45 11.73 -19.46 -2.15
C ILE A 45 10.24 -19.32 -1.84
N PRO A 46 9.82 -19.08 -0.58
CA PRO A 46 8.39 -18.84 -0.36
C PRO A 46 7.91 -17.51 -0.90
N TYR A 47 8.82 -16.54 -1.09
CA TYR A 47 8.43 -15.24 -1.64
C TYR A 47 8.11 -15.35 -3.12
N THR A 48 8.95 -16.06 -3.88
CA THR A 48 8.69 -16.26 -5.30
C THR A 48 7.55 -17.25 -5.55
N LEU A 49 7.27 -18.14 -4.59
CA LEU A 49 6.20 -19.10 -4.78
C LEU A 49 4.84 -18.43 -4.68
N PHE A 50 4.64 -17.56 -3.69
CA PHE A 50 3.35 -16.91 -3.54
C PHE A 50 3.08 -15.91 -4.64
N LEU A 51 4.14 -15.35 -5.24
CA LEU A 51 3.95 -14.48 -6.40
C LEU A 51 3.42 -15.25 -7.59
N ILE A 52 3.89 -16.49 -7.78
CA ILE A 52 3.50 -17.28 -8.94
C ILE A 52 2.05 -17.72 -8.83
N ILE A 53 1.64 -18.18 -7.65
CA ILE A 53 0.31 -18.77 -7.49
C ILE A 53 -0.74 -17.79 -6.97
N ALA A 54 -0.34 -16.70 -6.34
CA ALA A 54 -1.34 -15.79 -5.79
C ALA A 54 -1.14 -14.34 -6.23
N GLY A 55 0.11 -13.88 -6.34
CA GLY A 55 0.33 -12.49 -6.70
C GLY A 55 -0.11 -12.16 -8.11
N MET A 56 0.24 -13.01 -9.06
CA MET A 56 -0.03 -12.75 -10.48
C MET A 56 -1.47 -13.07 -10.87
N PRO A 57 -2.07 -14.19 -10.41
CA PRO A 57 -3.48 -14.44 -10.77
C PRO A 57 -4.42 -13.32 -10.34
N LEU A 58 -4.19 -12.70 -9.18
CA LEU A 58 -5.04 -11.60 -8.75
C LEU A 58 -4.72 -10.32 -9.51
N PHE A 59 -3.44 -10.10 -9.82
CA PHE A 59 -3.05 -8.97 -10.65
C PHE A 59 -3.66 -9.07 -12.05
N TYR A 60 -3.60 -10.26 -12.64
CA TYR A 60 -4.17 -10.47 -13.96
C TYR A 60 -5.69 -10.32 -13.93
N MET A 61 -6.33 -10.81 -12.87
CA MET A 61 -7.79 -10.76 -12.79
C MET A 61 -8.30 -9.33 -12.73
N GLU A 62 -7.65 -8.46 -11.95
CA GLU A 62 -8.16 -7.11 -11.75
C GLU A 62 -7.98 -6.24 -12.99
N LEU A 63 -6.86 -6.43 -13.71
CA LEU A 63 -6.62 -5.62 -14.90
C LEU A 63 -7.61 -5.94 -16.01
N ALA A 64 -7.96 -7.22 -16.17
CA ALA A 64 -8.94 -7.60 -17.17
C ALA A 64 -10.37 -7.25 -16.78
N LEU A 65 -10.62 -7.04 -15.49
CA LEU A 65 -11.97 -6.67 -15.06
C LEU A 65 -12.32 -5.25 -15.50
N GLY A 66 -11.40 -4.31 -15.34
CA GLY A 66 -11.69 -2.93 -15.71
C GLY A 66 -11.73 -2.71 -17.21
N GLN A 67 -10.86 -3.40 -17.95
CA GLN A 67 -10.77 -3.20 -19.39
C GLN A 67 -12.03 -3.65 -20.10
N TYR A 68 -12.60 -4.78 -19.67
CA TYR A 68 -13.78 -5.31 -20.34
C TYR A 68 -15.04 -4.54 -19.96
N ASN A 69 -15.15 -4.10 -18.71
CA ASN A 69 -16.37 -3.47 -18.23
C ASN A 69 -16.35 -1.95 -18.32
N ARG A 70 -15.15 -1.34 -18.31
CA ARG A 70 -14.99 0.11 -18.40
C ARG A 70 -15.74 0.82 -17.27
N GLU A 71 -15.55 0.33 -16.05
CA GLU A 71 -16.21 0.90 -14.88
C GLU A 71 -15.23 0.89 -13.71
N GLY A 72 -15.56 1.68 -12.68
CA GLY A 72 -14.75 1.76 -11.49
C GLY A 72 -15.03 0.62 -10.53
N ALA A 73 -14.42 0.72 -9.35
CA ALA A 73 -14.52 -0.35 -8.36
C ALA A 73 -15.95 -0.53 -7.86
N ALA A 74 -16.66 0.57 -7.61
CA ALA A 74 -17.97 0.47 -6.99
C ALA A 74 -19.03 -0.07 -7.94
N THR A 75 -19.04 0.43 -9.18
CA THR A 75 -20.11 0.13 -10.13
C THR A 75 -19.78 -1.01 -11.08
N VAL A 76 -18.64 -1.68 -10.89
CA VAL A 76 -18.30 -2.82 -11.74
C VAL A 76 -19.13 -4.05 -11.43
N TRP A 77 -19.92 -4.02 -10.35
CA TRP A 77 -20.68 -5.17 -9.90
C TRP A 77 -22.05 -5.27 -10.55
N LYS A 78 -22.22 -4.70 -11.74
CA LYS A 78 -23.43 -4.92 -12.52
C LYS A 78 -23.54 -6.37 -13.01
N ILE A 79 -22.46 -7.14 -12.92
CA ILE A 79 -22.51 -8.56 -13.29
C ILE A 79 -23.14 -9.38 -12.18
N CYS A 80 -22.88 -9.02 -10.93
CA CYS A 80 -23.49 -9.67 -9.75
C CYS A 80 -23.99 -8.55 -8.84
N PRO A 81 -25.25 -8.13 -9.00
CA PRO A 81 -25.73 -6.96 -8.26
C PRO A 81 -25.70 -7.12 -6.74
N PHE A 82 -25.66 -8.35 -6.22
CA PHE A 82 -25.64 -8.58 -4.78
C PHE A 82 -24.30 -8.25 -4.14
N PHE A 83 -23.27 -8.02 -4.95
CA PHE A 83 -21.93 -7.79 -4.44
C PHE A 83 -21.51 -6.32 -4.51
N LYS A 84 -22.44 -5.40 -4.79
CA LYS A 84 -22.08 -4.00 -4.88
C LYS A 84 -21.62 -3.42 -3.56
N GLY A 85 -21.95 -4.07 -2.43
CA GLY A 85 -21.44 -3.62 -1.15
C GLY A 85 -19.95 -3.79 -0.98
N VAL A 86 -19.34 -4.69 -1.76
CA VAL A 86 -17.89 -4.85 -1.72
C VAL A 86 -17.21 -3.62 -2.32
N GLY A 87 -17.80 -3.04 -3.36
CA GLY A 87 -17.23 -1.86 -3.98
C GLY A 87 -17.19 -0.66 -3.05
N TYR A 88 -18.25 -0.47 -2.27
CA TYR A 88 -18.26 0.62 -1.29
C TYR A 88 -17.29 0.37 -0.14
N ALA A 89 -16.92 -0.88 0.10
CA ALA A 89 -15.98 -1.17 1.17
C ALA A 89 -14.56 -0.76 0.81
N VAL A 90 -14.15 -0.99 -0.44
CA VAL A 90 -12.81 -0.60 -0.86
C VAL A 90 -12.69 0.91 -1.07
N ILE A 91 -13.80 1.60 -1.36
CA ILE A 91 -13.75 3.05 -1.49
C ILE A 91 -13.52 3.71 -0.14
N LEU A 92 -14.22 3.25 0.90
CA LEU A 92 -14.04 3.81 2.23
C LEU A 92 -12.66 3.52 2.77
N ILE A 93 -12.13 2.33 2.50
CA ILE A 93 -10.78 1.99 2.95
C ILE A 93 -9.75 2.88 2.28
N ALA A 94 -9.93 3.17 0.98
CA ALA A 94 -9.02 4.06 0.29
C ALA A 94 -9.07 5.47 0.86
N LEU A 95 -10.21 5.87 1.44
CA LEU A 95 -10.31 7.17 2.09
C LEU A 95 -9.62 7.18 3.44
N TYR A 96 -9.66 6.06 4.17
CA TYR A 96 -9.01 5.99 5.47
C TYR A 96 -7.49 6.13 5.36
N VAL A 97 -6.90 5.50 4.34
CA VAL A 97 -5.44 5.53 4.20
C VAL A 97 -4.97 6.94 3.89
N GLY A 98 -5.75 7.69 3.11
CA GLY A 98 -5.38 9.05 2.78
C GLY A 98 -5.35 10.00 3.97
N PHE A 99 -6.06 9.66 5.04
CA PHE A 99 -6.09 10.52 6.22
C PHE A 99 -4.78 10.52 6.99
N TYR A 100 -3.90 9.53 6.75
CA TYR A 100 -2.63 9.46 7.45
C TYR A 100 -1.42 9.21 6.56
N TYR A 101 -1.61 8.81 5.30
CA TYR A 101 -0.46 8.57 4.44
C TYR A 101 0.16 9.87 3.95
N ASN A 102 -0.63 10.94 3.83
CA ASN A 102 -0.07 12.22 3.41
C ASN A 102 0.74 12.89 4.52
N VAL A 103 0.54 12.48 5.77
CA VAL A 103 1.36 12.99 6.86
C VAL A 103 2.78 12.44 6.77
N ILE A 104 2.91 11.17 6.36
CA ILE A 104 4.24 10.57 6.21
C ILE A 104 5.02 11.28 5.10
N ILE A 105 4.33 11.68 4.05
CA ILE A 105 4.98 12.46 2.99
C ILE A 105 5.41 13.82 3.51
N ALA A 106 4.64 14.41 4.43
CA ALA A 106 5.00 15.71 4.98
C ALA A 106 6.29 15.65 5.76
N TRP A 107 6.62 14.49 6.36
CA TRP A 107 7.90 14.35 7.05
C TRP A 107 9.06 14.43 6.06
N SER A 108 8.92 13.79 4.90
CA SER A 108 9.98 13.82 3.90
C SER A 108 10.22 15.23 3.37
N LEU A 109 9.15 16.00 3.17
CA LEU A 109 9.29 17.38 2.72
C LEU A 109 9.92 18.26 3.79
N TYR A 110 9.66 17.96 5.06
CA TYR A 110 10.27 18.71 6.15
C TYR A 110 11.77 18.46 6.23
N TYR A 111 12.21 17.23 5.90
CA TYR A 111 13.64 16.94 5.90
C TYR A 111 14.33 17.52 4.68
N LEU A 112 13.64 17.60 3.55
CA LEU A 112 14.23 18.17 2.34
C LEU A 112 14.45 19.67 2.50
N PHE A 113 13.56 20.36 3.20
CA PHE A 113 13.72 21.80 3.40
C PHE A 113 14.83 22.13 4.40
N SER A 114 15.18 21.20 5.27
CA SER A 114 16.24 21.39 6.24
C SER A 114 17.61 20.97 5.72
N SER A 115 17.69 20.46 4.50
CA SER A 115 18.94 20.00 3.92
C SER A 115 19.64 21.06 3.08
N PHE A 116 19.04 22.25 2.94
CA PHE A 116 19.63 23.32 2.14
C PHE A 116 20.52 24.22 3.00
N THR A 117 21.56 23.60 3.56
CA THR A 117 22.49 24.32 4.43
C THR A 117 23.81 23.55 4.47
N LEU A 118 24.84 24.22 4.97
CA LEU A 118 26.15 23.60 5.14
C LEU A 118 26.33 22.97 6.52
N ASN A 119 25.35 23.10 7.40
CA ASN A 119 25.36 22.46 8.71
C ASN A 119 24.02 21.77 8.90
N LEU A 120 24.03 20.44 8.81
CA LEU A 120 22.79 19.70 8.94
C LEU A 120 22.25 19.78 10.36
N PRO A 121 20.92 19.86 10.54
CA PRO A 121 20.36 19.99 11.90
C PRO A 121 20.60 18.79 12.79
N TRP A 122 20.88 17.61 12.23
CA TRP A 122 20.95 16.37 12.99
C TRP A 122 22.38 15.92 13.26
N THR A 123 23.30 16.86 13.50
CA THR A 123 24.71 16.52 13.69
C THR A 123 25.24 16.84 15.08
N ASP A 124 24.66 17.82 15.78
CA ASP A 124 25.18 18.26 17.07
C ASP A 124 24.07 18.27 18.11
N CYS A 125 24.46 18.48 19.37
CA CYS A 125 23.56 18.49 20.51
C CYS A 125 23.50 19.85 21.16
N GLY A 126 23.44 20.91 20.36
CA GLY A 126 23.43 22.26 20.89
C GLY A 126 22.32 23.14 20.36
N HIS A 127 21.15 22.56 20.15
CA HIS A 127 19.99 23.27 19.63
C HIS A 127 18.91 23.37 20.72
N THR A 128 17.82 24.04 20.37
CA THR A 128 16.73 24.28 21.32
C THR A 128 15.81 23.09 21.49
N TRP A 129 15.97 22.04 20.68
CA TRP A 129 15.15 20.83 20.79
C TRP A 129 15.92 19.67 21.41
N ASN A 130 17.02 19.96 22.10
CA ASN A 130 17.91 18.93 22.62
C ASN A 130 17.74 18.79 24.13
N SER A 131 17.64 17.55 24.59
CA SER A 131 17.64 17.28 26.01
C SER A 131 19.02 17.52 26.60
N PRO A 132 19.11 17.78 27.90
CA PRO A 132 20.43 18.02 28.52
C PRO A 132 21.34 16.81 28.47
N ASN A 133 20.83 15.61 28.21
CA ASN A 133 21.61 14.39 28.22
C ASN A 133 22.04 13.95 26.83
N CYS A 134 21.91 14.82 25.82
CA CYS A 134 22.33 14.48 24.47
C CYS A 134 23.82 14.16 24.44
N THR A 135 24.18 13.06 23.79
CA THR A 135 25.55 12.58 23.74
C THR A 135 26.04 12.50 22.30
N ASP A 136 27.26 12.93 22.07
CA ASP A 136 27.83 12.91 20.73
C ASP A 136 28.13 11.48 20.30
N PRO A 137 27.78 11.08 19.08
CA PRO A 137 28.02 9.72 18.58
C PRO A 137 29.49 9.48 18.24
N LYS A 150 23.18 -2.28 21.57
CA LYS A 150 22.16 -2.06 20.55
C LYS A 150 22.05 -0.58 20.20
N TYR A 151 22.73 -0.18 19.13
CA TYR A 151 22.70 1.21 18.68
C TYR A 151 21.33 1.63 18.18
N SER A 152 20.43 0.69 17.92
CA SER A 152 19.11 1.00 17.39
C SER A 152 18.12 1.44 18.46
N LYS A 153 18.42 1.21 19.74
CA LYS A 153 17.52 1.57 20.82
C LYS A 153 17.94 2.82 21.58
N TYR A 154 19.15 3.32 21.34
CA TYR A 154 19.60 4.54 22.01
C TYR A 154 18.81 5.73 21.49
N LYS A 155 18.29 6.52 22.42
CA LYS A 155 17.43 7.66 22.10
C LYS A 155 18.08 9.00 22.42
N PHE A 156 19.35 9.00 22.82
CA PHE A 156 20.03 10.21 23.26
C PHE A 156 21.15 10.59 22.29
N THR A 157 20.89 10.44 20.99
CA THR A 157 21.81 10.78 19.92
C THR A 157 21.27 11.98 19.13
N PRO A 158 22.15 12.75 18.48
CA PRO A 158 21.66 13.93 17.74
C PRO A 158 20.61 13.61 16.68
N ALA A 159 20.73 12.46 16.01
CA ALA A 159 19.76 12.10 14.98
C ALA A 159 18.43 11.66 15.56
N ALA A 160 18.44 11.00 16.72
CA ALA A 160 17.21 10.56 17.34
C ALA A 160 16.48 11.71 18.04
N GLU A 161 17.21 12.73 18.49
CA GLU A 161 16.59 13.87 19.15
C GLU A 161 16.02 14.89 18.18
N PHE A 162 16.38 14.81 16.90
CA PHE A 162 15.80 15.68 15.89
C PHE A 162 14.50 15.12 15.30
N TYR A 163 14.22 13.84 15.51
CA TYR A 163 13.01 13.23 14.98
C TYR A 163 11.87 13.27 15.99
N GLU A 164 12.14 12.87 17.24
CA GLU A 164 11.11 12.80 18.26
C GLU A 164 10.94 14.11 19.04
N ARG A 165 11.90 15.03 18.95
CA ARG A 165 11.82 16.30 19.66
C ARG A 165 11.92 17.53 18.76
N GLY A 166 12.22 17.36 17.47
CA GLY A 166 12.37 18.49 16.59
C GLY A 166 11.31 18.55 15.50
N VAL A 167 10.85 17.39 15.08
CA VAL A 167 9.81 17.27 14.05
C VAL A 167 8.49 16.81 14.67
N LEU A 168 8.52 15.71 15.41
CA LEU A 168 7.29 15.14 15.98
C LEU A 168 6.78 15.92 17.18
N HIS A 169 7.68 16.52 17.97
CA HIS A 169 7.32 17.18 19.23
C HIS A 169 6.58 16.22 20.15
N LEU A 170 7.07 14.98 20.23
CA LEU A 170 6.40 13.94 21.01
C LEU A 170 6.59 14.12 22.51
N HIS A 171 7.66 14.79 22.93
CA HIS A 171 7.94 14.93 24.35
C HIS A 171 6.93 15.78 25.09
N GLU A 172 6.07 16.50 24.37
CA GLU A 172 5.06 17.36 24.98
C GLU A 172 3.70 16.69 25.09
N SER A 173 3.60 15.41 24.74
CA SER A 173 2.35 14.66 24.81
C SER A 173 2.51 13.49 25.77
N SER A 174 1.44 13.18 26.49
CA SER A 174 1.43 12.10 27.47
C SER A 174 0.70 10.86 27.00
N GLY A 175 0.10 10.89 25.82
CA GLY A 175 -0.60 9.74 25.30
C GLY A 175 -1.73 10.17 24.39
N ILE A 176 -2.61 9.21 24.09
CA ILE A 176 -3.75 9.48 23.21
C ILE A 176 -4.88 10.19 23.94
N HIS A 177 -4.79 10.33 25.27
CA HIS A 177 -5.81 11.04 26.03
C HIS A 177 -5.61 12.56 25.99
N ASP A 178 -4.47 13.03 25.53
CA ASP A 178 -4.20 14.47 25.43
C ASP A 178 -3.18 14.65 24.31
N ILE A 179 -3.67 15.10 23.14
CA ILE A 179 -2.83 15.21 21.96
C ILE A 179 -2.37 16.65 21.72
N GLY A 180 -3.24 17.63 21.95
CA GLY A 180 -2.86 19.01 21.79
C GLY A 180 -3.15 19.56 20.39
N LEU A 181 -2.71 20.79 20.19
CA LEU A 181 -2.96 21.52 18.95
C LEU A 181 -1.97 21.10 17.86
N PRO A 182 -2.36 21.24 16.58
CA PRO A 182 -1.43 20.90 15.49
C PRO A 182 -0.21 21.80 15.48
N GLN A 183 0.91 21.24 15.01
CA GLN A 183 2.15 22.00 14.88
C GLN A 183 2.12 22.82 13.60
N TRP A 184 2.50 24.10 13.70
CA TRP A 184 2.36 24.99 12.54
C TRP A 184 3.44 24.72 11.49
N GLN A 185 4.62 24.25 11.89
CA GLN A 185 5.62 23.89 10.90
C GLN A 185 5.17 22.71 10.06
N LEU A 186 4.59 21.69 10.70
CA LEU A 186 4.12 20.53 9.96
C LEU A 186 2.83 20.84 9.19
N LEU A 187 2.04 21.79 9.68
CA LEU A 187 0.83 22.19 8.97
C LEU A 187 1.15 22.83 7.63
N LEU A 188 2.20 23.66 7.59
CA LEU A 188 2.57 24.31 6.33
C LEU A 188 3.13 23.32 5.32
N CYS A 189 3.85 22.30 5.79
CA CYS A 189 4.35 21.27 4.87
C CYS A 189 3.21 20.41 4.33
N LEU A 190 2.18 20.17 5.13
CA LEU A 190 1.03 19.40 4.66
C LEU A 190 0.24 20.18 3.62
N MET A 191 0.22 21.50 3.71
CA MET A 191 -0.50 22.31 2.72
C MET A 191 0.11 22.18 1.34
N VAL A 192 1.44 22.13 1.26
CA VAL A 192 2.11 22.05 -0.04
C VAL A 192 1.80 20.72 -0.72
N VAL A 193 1.75 19.63 0.06
CA VAL A 193 1.50 18.31 -0.51
C VAL A 193 0.10 18.24 -1.12
N VAL A 194 -0.90 18.80 -0.42
CA VAL A 194 -2.28 18.71 -0.89
C VAL A 194 -2.47 19.57 -2.14
N ILE A 195 -1.83 20.74 -2.19
CA ILE A 195 -1.94 21.60 -3.38
C ILE A 195 -1.31 20.92 -4.58
N VAL A 196 -0.15 20.28 -4.39
CA VAL A 196 0.49 19.55 -5.47
C VAL A 196 -0.39 18.40 -5.93
N LEU A 197 -1.03 17.71 -4.97
CA LEU A 197 -1.90 16.59 -5.31
C LEU A 197 -3.11 17.05 -6.12
N TYR A 198 -3.69 18.20 -5.78
CA TYR A 198 -4.90 18.67 -6.46
C TYR A 198 -4.62 19.02 -7.91
N PHE A 199 -3.56 19.78 -8.17
CA PHE A 199 -3.32 20.26 -9.53
C PHE A 199 -2.84 19.16 -10.47
N SER A 200 -2.39 18.03 -9.93
CA SER A 200 -2.00 16.89 -10.74
C SER A 200 -3.11 15.88 -10.95
N LEU A 201 -4.33 16.18 -10.48
CA LEU A 201 -5.45 15.27 -10.57
C LEU A 201 -6.75 15.92 -11.03
N TRP A 202 -6.77 17.24 -11.23
CA TRP A 202 -8.01 17.96 -11.48
C TRP A 202 -8.47 17.91 -12.93
N LYS A 203 -7.69 17.33 -13.84
CA LYS A 203 -8.04 17.31 -15.25
C LYS A 203 -8.18 15.89 -15.81
N GLY A 204 -8.12 14.87 -14.97
CA GLY A 204 -8.27 13.51 -15.43
C GLY A 204 -6.96 12.78 -15.58
N VAL A 205 -6.84 11.96 -16.64
CA VAL A 205 -5.60 11.24 -16.91
C VAL A 205 -4.75 11.91 -17.98
N LYS A 206 -5.27 12.95 -18.65
CA LYS A 206 -4.47 13.69 -19.60
C LYS A 206 -3.33 14.43 -18.91
N THR A 207 -3.55 14.87 -17.67
CA THR A 207 -2.52 15.52 -16.86
C THR A 207 -1.83 14.56 -15.92
N SER A 208 -2.57 13.61 -15.34
CA SER A 208 -1.96 12.64 -14.43
C SER A 208 -1.02 11.70 -15.16
N GLY A 209 -1.21 11.48 -16.45
CA GLY A 209 -0.34 10.63 -17.22
C GLY A 209 1.00 11.23 -17.57
N LYS A 210 1.16 12.54 -17.38
CA LYS A 210 2.44 13.21 -17.61
C LYS A 210 3.24 13.43 -16.33
N VAL A 211 2.58 13.47 -15.17
CA VAL A 211 3.28 13.64 -13.91
C VAL A 211 4.13 12.41 -13.59
N VAL A 212 3.62 11.22 -13.91
CA VAL A 212 4.33 9.99 -13.63
C VAL A 212 5.56 9.79 -14.50
N TRP A 213 5.74 10.64 -15.52
CA TRP A 213 6.96 10.59 -16.32
C TRP A 213 8.19 10.96 -15.50
N ILE A 214 8.02 11.69 -14.41
CA ILE A 214 9.12 12.12 -13.56
C ILE A 214 9.14 11.35 -12.24
N THR A 215 7.98 11.19 -11.60
CA THR A 215 7.96 10.61 -10.26
C THR A 215 8.19 9.10 -10.29
N ALA A 216 7.80 8.42 -11.37
CA ALA A 216 7.98 6.98 -11.43
C ALA A 216 9.38 6.57 -11.87
N THR A 217 10.16 7.50 -12.43
CA THR A 217 11.50 7.19 -12.90
C THR A 217 12.61 7.81 -12.07
N LEU A 218 12.31 8.90 -11.36
CA LEU A 218 13.35 9.57 -10.56
C LEU A 218 13.97 8.67 -9.50
N PRO A 219 13.22 7.87 -8.72
CA PRO A 219 13.87 7.00 -7.73
C PRO A 219 14.85 6.01 -8.33
N TYR A 220 14.60 5.53 -9.55
CA TYR A 220 15.54 4.60 -10.18
C TYR A 220 16.88 5.29 -10.48
N PHE A 221 16.85 6.54 -10.92
CA PHE A 221 18.09 7.25 -11.20
C PHE A 221 18.90 7.46 -9.92
N VAL A 222 18.24 7.85 -8.83
CA VAL A 222 18.95 8.06 -7.57
C VAL A 222 19.47 6.73 -7.02
N LEU A 223 18.67 5.67 -7.12
CA LEU A 223 19.08 4.37 -6.60
C LEU A 223 20.32 3.84 -7.30
N PHE A 224 20.47 4.14 -8.60
CA PHE A 224 21.67 3.72 -9.31
C PHE A 224 22.90 4.45 -8.80
N VAL A 225 22.78 5.75 -8.53
CA VAL A 225 23.92 6.52 -8.04
C VAL A 225 24.28 6.11 -6.62
N LEU A 226 23.26 5.88 -5.78
CA LEU A 226 23.51 5.44 -4.41
C LEU A 226 24.17 4.07 -4.36
N LEU A 227 23.84 3.20 -5.32
CA LEU A 227 24.41 1.86 -5.35
C LEU A 227 25.86 1.88 -5.82
N VAL A 228 26.17 2.71 -6.82
CA VAL A 228 27.55 2.78 -7.32
C VAL A 228 28.49 3.29 -6.24
N HIS A 229 28.09 4.36 -5.52
CA HIS A 229 28.91 4.90 -4.46
C HIS A 229 28.87 4.03 -3.21
N GLY A 230 27.79 3.27 -3.01
CA GLY A 230 27.65 2.52 -1.77
C GLY A 230 28.66 1.41 -1.61
N VAL A 231 28.95 0.69 -2.69
CA VAL A 231 29.84 -0.47 -2.61
C VAL A 231 31.30 -0.09 -2.41
N THR A 232 31.63 1.20 -2.47
CA THR A 232 33.01 1.64 -2.30
C THR A 232 33.34 1.94 -0.85
N LEU A 233 32.35 2.29 -0.03
CA LEU A 233 32.61 2.65 1.35
C LEU A 233 33.18 1.45 2.11
N PRO A 234 34.09 1.68 3.06
CA PRO A 234 34.64 0.55 3.84
C PRO A 234 33.55 -0.15 4.64
N GLY A 235 33.67 -1.46 4.74
CA GLY A 235 32.71 -2.27 5.45
C GLY A 235 31.45 -2.62 4.67
N ALA A 236 31.36 -2.19 3.40
CA ALA A 236 30.16 -2.48 2.62
C ALA A 236 30.05 -3.96 2.27
N SER A 237 31.17 -4.65 2.10
CA SER A 237 31.14 -6.05 1.74
C SER A 237 30.53 -6.91 2.85
N ASN A 238 30.80 -6.55 4.11
CA ASN A 238 30.23 -7.31 5.23
C ASN A 238 28.72 -7.24 5.24
N GLY A 239 28.15 -6.06 4.96
CA GLY A 239 26.71 -5.93 4.92
C GLY A 239 26.08 -6.70 3.78
N ILE A 240 26.75 -6.73 2.62
CA ILE A 240 26.22 -7.46 1.48
C ILE A 240 26.28 -8.97 1.71
N ASN A 241 27.37 -9.45 2.30
CA ASN A 241 27.51 -10.88 2.56
C ASN A 241 26.46 -11.36 3.55
N ALA A 242 26.19 -10.58 4.60
CA ALA A 242 25.16 -10.95 5.57
C ALA A 242 23.76 -10.79 5.00
N TYR A 243 23.60 -10.00 3.94
CA TYR A 243 22.28 -9.81 3.34
C TYR A 243 21.87 -11.04 2.54
N LEU A 244 22.81 -11.64 1.80
CA LEU A 244 22.53 -12.74 0.90
C LEU A 244 23.12 -14.06 1.40
N HIS A 245 23.09 -14.28 2.71
CA HIS A 245 23.44 -15.57 3.25
C HIS A 245 22.29 -16.55 3.01
N ILE A 246 22.59 -17.84 3.15
CA ILE A 246 21.63 -18.91 2.89
C ILE A 246 21.44 -19.71 4.17
N ASP A 247 20.18 -19.84 4.59
CA ASP A 247 19.85 -20.68 5.77
C ASP A 247 18.62 -21.50 5.40
N PHE A 248 18.84 -22.73 4.96
CA PHE A 248 17.75 -23.58 4.50
C PHE A 248 16.95 -24.19 5.64
N TYR A 249 17.47 -24.15 6.86
CA TYR A 249 16.77 -24.70 8.01
C TYR A 249 15.80 -23.71 8.64
N ARG A 250 15.72 -22.49 8.12
CA ARG A 250 14.73 -21.53 8.57
C ARG A 250 13.36 -21.76 7.94
N LEU A 251 13.27 -22.63 6.93
CA LEU A 251 12.00 -22.94 6.30
C LEU A 251 11.19 -23.97 7.07
N LYS A 252 11.72 -24.47 8.19
CA LYS A 252 11.02 -25.41 9.04
C LYS A 252 10.10 -24.71 10.04
N GLU A 253 10.05 -23.38 10.02
CA GLU A 253 9.21 -22.60 10.93
C GLU A 253 8.05 -21.99 10.15
N ALA A 254 6.86 -22.02 10.75
CA ALA A 254 5.66 -21.54 10.07
C ALA A 254 5.63 -20.02 9.95
N THR A 255 6.36 -19.30 10.79
CA THR A 255 6.34 -17.84 10.73
C THR A 255 7.01 -17.31 9.47
N VAL A 256 8.00 -18.03 8.94
CA VAL A 256 8.69 -17.59 7.74
C VAL A 256 7.74 -17.60 6.55
N TRP A 257 6.87 -18.61 6.48
CA TRP A 257 5.93 -18.69 5.36
C TRP A 257 4.82 -17.65 5.48
N ILE A 258 4.41 -17.31 6.70
CA ILE A 258 3.40 -16.29 6.88
C ILE A 258 3.96 -14.91 6.56
N ASP A 259 5.25 -14.69 6.85
CA ASP A 259 5.87 -13.39 6.57
C ASP A 259 5.88 -13.10 5.07
N ALA A 260 6.16 -14.12 4.25
CA ALA A 260 6.16 -13.92 2.81
C ALA A 260 4.75 -13.79 2.25
N ALA A 261 3.76 -14.37 2.94
CA ALA A 261 2.39 -14.31 2.44
C ALA A 261 1.80 -12.93 2.60
N THR A 262 2.07 -12.27 3.73
CA THR A 262 1.54 -10.92 3.96
C THR A 262 2.29 -9.87 3.15
N GLN A 263 3.59 -10.06 2.93
CA GLN A 263 4.36 -9.10 2.15
C GLN A 263 3.90 -9.07 0.70
N ILE A 264 3.61 -10.24 0.12
CA ILE A 264 3.20 -10.30 -1.27
C ILE A 264 1.86 -9.58 -1.47
N PHE A 265 0.91 -9.80 -0.55
CA PHE A 265 -0.42 -9.24 -0.73
C PHE A 265 -0.43 -7.73 -0.52
N PHE A 266 0.37 -7.23 0.42
CA PHE A 266 0.36 -5.81 0.77
C PHE A 266 1.31 -4.98 -0.07
N SER A 267 2.25 -5.59 -0.78
CA SER A 267 3.20 -4.84 -1.60
C SER A 267 2.81 -4.77 -3.07
N LEU A 268 1.90 -5.62 -3.52
CA LEU A 268 1.41 -5.54 -4.89
C LEU A 268 0.17 -4.67 -5.00
N GLY A 269 -0.65 -4.60 -3.96
CA GLY A 269 -1.84 -3.77 -3.98
C GLY A 269 -2.87 -4.20 -5.00
N ALA A 270 -3.09 -5.50 -5.13
CA ALA A 270 -4.08 -6.04 -6.06
C ALA A 270 -5.38 -6.27 -5.31
N GLY A 271 -6.46 -5.65 -5.78
CA GLY A 271 -7.73 -5.69 -5.10
C GLY A 271 -8.06 -4.47 -4.27
N PHE A 272 -7.23 -3.43 -4.32
CA PHE A 272 -7.46 -2.22 -3.56
C PHE A 272 -8.29 -1.19 -4.31
N GLY A 273 -8.77 -1.51 -5.50
CA GLY A 273 -9.59 -0.61 -6.28
C GLY A 273 -8.85 0.35 -7.17
N VAL A 274 -7.53 0.31 -7.17
CA VAL A 274 -6.73 1.23 -7.98
C VAL A 274 -6.48 0.68 -9.37
N LEU A 275 -6.12 -0.61 -9.45
CA LEU A 275 -5.82 -1.20 -10.75
C LEU A 275 -7.05 -1.30 -11.63
N ILE A 276 -8.24 -1.46 -11.03
CA ILE A 276 -9.46 -1.55 -11.81
C ILE A 276 -9.80 -0.21 -12.44
N ALA A 277 -9.47 0.90 -11.77
CA ALA A 277 -9.74 2.22 -12.34
C ALA A 277 -8.78 2.54 -13.47
N PHE A 278 -7.51 2.18 -13.31
CA PHE A 278 -6.52 2.46 -14.36
C PHE A 278 -6.85 1.71 -15.65
N ALA A 279 -7.26 0.44 -15.53
CA ALA A 279 -7.55 -0.36 -16.70
C ALA A 279 -8.84 0.03 -17.40
N SER A 280 -9.69 0.85 -16.77
CA SER A 280 -10.94 1.25 -17.39
C SER A 280 -10.73 2.26 -18.51
N TYR A 281 -9.59 2.95 -18.53
CA TYR A 281 -9.26 3.89 -19.58
C TYR A 281 -8.46 3.27 -20.72
N ASN A 282 -8.16 1.98 -20.64
CA ASN A 282 -7.41 1.29 -21.67
C ASN A 282 -8.28 1.02 -22.88
N LYS A 283 -7.63 0.77 -24.01
CA LYS A 283 -8.35 0.37 -25.21
C LYS A 283 -8.90 -1.05 -25.05
N PHE A 284 -9.96 -1.35 -25.80
CA PHE A 284 -10.63 -2.64 -25.65
C PHE A 284 -9.74 -3.78 -26.09
N ASP A 285 -8.97 -3.60 -27.17
CA ASP A 285 -8.14 -4.66 -27.73
C ASP A 285 -6.74 -4.69 -27.14
N ASN A 286 -6.48 -3.91 -26.10
CA ASN A 286 -5.16 -3.92 -25.47
C ASN A 286 -4.88 -5.27 -24.82
N ASN A 287 -3.63 -5.71 -24.92
CA ASN A 287 -3.20 -6.99 -24.37
C ASN A 287 -2.78 -6.78 -22.92
N CYS A 288 -3.68 -7.09 -21.98
CA CYS A 288 -3.42 -6.91 -20.57
C CYS A 288 -2.82 -8.15 -19.91
N TYR A 289 -2.79 -9.28 -20.60
CA TYR A 289 -2.08 -10.45 -20.08
C TYR A 289 -0.58 -10.18 -20.02
N ARG A 290 -0.05 -9.50 -21.04
CA ARG A 290 1.37 -9.12 -21.02
C ARG A 290 1.64 -8.10 -19.92
N ASP A 291 0.71 -7.16 -19.72
CA ASP A 291 0.93 -6.11 -18.71
C ASP A 291 0.93 -6.67 -17.30
N ALA A 292 0.13 -7.70 -17.04
CA ALA A 292 0.05 -8.26 -15.69
C ALA A 292 1.38 -8.88 -15.27
N LEU A 293 2.05 -9.58 -16.18
CA LEU A 293 3.30 -10.24 -15.85
C LEU A 293 4.46 -9.25 -15.77
N LEU A 294 4.47 -8.23 -16.62
CA LEU A 294 5.59 -7.30 -16.66
C LEU A 294 5.61 -6.41 -15.42
N THR A 295 4.46 -5.84 -15.05
CA THR A 295 4.43 -4.91 -13.93
C THR A 295 4.53 -5.62 -12.58
N SER A 296 4.12 -6.88 -12.51
CA SER A 296 4.27 -7.64 -11.27
C SER A 296 5.74 -7.96 -10.99
N SER A 297 6.51 -8.23 -12.04
CA SER A 297 7.91 -8.60 -11.87
C SER A 297 8.79 -7.40 -11.54
N ILE A 298 8.47 -6.23 -12.10
CA ILE A 298 9.28 -5.04 -11.82
C ILE A 298 9.18 -4.65 -10.36
N ASN A 299 8.00 -4.82 -9.76
CA ASN A 299 7.83 -4.50 -8.34
C ASN A 299 8.70 -5.39 -7.46
N CYS A 300 8.75 -6.69 -7.75
CA CYS A 300 9.50 -7.61 -6.91
C CYS A 300 11.00 -7.50 -7.15
N ILE A 301 11.41 -7.26 -8.40
CA ILE A 301 12.83 -7.10 -8.69
C ILE A 301 13.36 -5.83 -8.05
N THR A 302 12.54 -4.77 -8.00
CA THR A 302 12.97 -3.52 -7.38
C THR A 302 13.27 -3.71 -5.90
N SER A 303 12.46 -4.52 -5.20
CA SER A 303 12.70 -4.77 -3.79
C SER A 303 14.01 -5.51 -3.57
N PHE A 304 14.31 -6.51 -4.40
CA PHE A 304 15.54 -7.28 -4.23
C PHE A 304 16.77 -6.44 -4.54
N VAL A 305 16.69 -5.58 -5.55
CA VAL A 305 17.84 -4.75 -5.91
C VAL A 305 18.11 -3.70 -4.84
N SER A 306 17.05 -3.13 -4.26
CA SER A 306 17.19 -2.07 -3.28
C SER A 306 17.92 -2.53 -2.02
N GLY A 307 17.91 -3.83 -1.72
CA GLY A 307 18.58 -4.33 -0.54
C GLY A 307 20.09 -4.25 -0.62
N PHE A 308 20.66 -4.24 -1.83
CA PHE A 308 22.10 -4.10 -1.97
C PHE A 308 22.57 -2.72 -1.53
N ALA A 309 21.82 -1.68 -1.88
CA ALA A 309 22.21 -0.33 -1.50
C ALA A 309 22.05 -0.10 0.00
N ILE A 310 20.99 -0.64 0.59
CA ILE A 310 20.71 -0.40 2.00
C ILE A 310 21.76 -1.06 2.88
N PHE A 311 22.08 -2.32 2.60
CA PHE A 311 23.02 -3.04 3.44
C PHE A 311 24.46 -2.63 3.22
N SER A 312 24.75 -1.92 2.12
CA SER A 312 26.06 -1.28 1.99
C SER A 312 26.25 -0.20 3.04
N ILE A 313 25.21 0.58 3.30
CA ILE A 313 25.28 1.62 4.32
C ILE A 313 25.31 0.99 5.71
N LEU A 314 24.50 -0.06 5.93
CA LEU A 314 24.46 -0.71 7.23
C LEU A 314 25.81 -1.31 7.59
N GLY A 315 26.48 -1.95 6.63
CA GLY A 315 27.82 -2.45 6.88
C GLY A 315 28.82 -1.34 7.15
N TYR A 316 28.66 -0.21 6.45
CA TYR A 316 29.52 0.94 6.71
C TYR A 316 29.32 1.48 8.12
N MET A 317 28.06 1.54 8.57
CA MET A 317 27.78 2.04 9.92
C MET A 317 28.32 1.10 10.99
N ALA A 318 28.23 -0.21 10.76
CA ALA A 318 28.74 -1.16 11.74
C ALA A 318 30.26 -1.06 11.86
N HIS A 319 30.96 -0.85 10.75
CA HIS A 319 32.41 -0.67 10.80
C HIS A 319 32.77 0.62 11.53
N GLU A 320 31.97 1.68 11.34
CA GLU A 320 32.27 2.96 11.97
C GLU A 320 32.17 2.86 13.49
N HIS A 321 31.15 2.18 14.00
CA HIS A 321 30.91 2.10 15.43
C HIS A 321 31.56 0.89 16.09
N LYS A 322 32.28 0.07 15.33
CA LYS A 322 32.97 -1.11 15.85
C LYS A 322 32.00 -2.05 16.55
N VAL A 323 30.87 -2.31 15.89
CA VAL A 323 29.86 -3.24 16.39
C VAL A 323 29.53 -4.23 15.27
N ASN A 324 28.70 -5.21 15.62
CA ASN A 324 28.29 -6.22 14.65
C ASN A 324 27.11 -5.71 13.82
N ILE A 325 26.90 -6.38 12.68
CA ILE A 325 25.81 -6.00 11.79
C ILE A 325 24.45 -6.25 12.43
N GLU A 326 24.38 -7.10 13.45
CA GLU A 326 23.12 -7.39 14.11
C GLU A 326 22.67 -6.26 15.05
N ASP A 327 23.56 -5.33 15.38
CA ASP A 327 23.25 -4.25 16.29
C ASP A 327 22.88 -2.95 15.59
N VAL A 328 22.77 -2.96 14.26
CA VAL A 328 22.54 -1.72 13.51
C VAL A 328 21.27 -1.85 12.68
N ALA A 329 20.89 -3.08 12.34
CA ALA A 329 19.77 -3.30 11.43
C ALA A 329 18.46 -2.79 12.04
N THR A 330 17.69 -2.07 11.22
CA THR A 330 16.44 -1.47 11.67
C THR A 330 15.39 -1.59 10.57
N GLU A 331 14.23 -1.01 10.82
CA GLU A 331 13.10 -1.04 9.90
C GLU A 331 12.61 0.37 9.63
N GLY A 332 11.44 0.50 9.00
CA GLY A 332 10.98 1.80 8.54
C GLY A 332 10.77 2.78 9.68
N ALA A 333 10.99 4.06 9.36
CA ALA A 333 10.87 5.22 10.24
C ALA A 333 11.97 5.26 11.29
N GLY A 334 12.82 4.25 11.38
CA GLY A 334 13.97 4.27 12.27
C GLY A 334 15.24 4.16 11.46
N LEU A 335 15.14 3.56 10.29
CA LEU A 335 16.25 3.44 9.36
C LEU A 335 16.33 4.61 8.40
N VAL A 336 15.18 5.18 8.03
CA VAL A 336 15.14 6.25 7.04
C VAL A 336 15.35 7.61 7.67
N PHE A 337 14.77 7.85 8.85
CA PHE A 337 14.80 9.18 9.45
C PHE A 337 15.76 9.31 10.62
N ILE A 338 16.31 8.21 11.13
CA ILE A 338 17.19 8.29 12.29
C ILE A 338 18.56 7.72 11.94
N LEU A 339 18.61 6.76 11.03
CA LEU A 339 19.84 6.04 10.73
C LEU A 339 20.55 6.56 9.48
N TYR A 340 19.85 6.65 8.36
CA TYR A 340 20.46 7.21 7.16
C TYR A 340 20.97 8.64 7.34
N PRO A 341 20.25 9.56 7.99
CA PRO A 341 20.83 10.89 8.20
C PRO A 341 22.13 10.87 8.99
N GLU A 342 22.33 9.88 9.86
CA GLU A 342 23.57 9.80 10.63
C GLU A 342 24.74 9.38 9.74
N ALA A 343 24.53 8.39 8.87
CA ALA A 343 25.59 7.97 7.97
C ALA A 343 25.85 9.00 6.88
N ILE A 344 24.82 9.74 6.47
CA ILE A 344 24.99 10.74 5.42
C ILE A 344 25.89 11.87 5.89
N SER A 345 25.80 12.22 7.18
CA SER A 345 26.53 13.37 7.73
C SER A 345 28.04 13.18 7.73
N THR A 346 28.56 12.06 7.22
CA THR A 346 30.00 11.83 7.17
C THR A 346 30.50 11.51 5.76
N LEU A 347 29.65 11.65 4.73
CA LEU A 347 30.00 11.25 3.37
C LEU A 347 30.43 12.48 2.58
N SER A 348 31.68 12.87 2.77
CA SER A 348 32.34 13.92 1.98
C SER A 348 31.54 15.20 1.94
N GLY A 349 30.76 15.41 0.88
CA GLY A 349 30.00 16.65 0.73
C GLY A 349 28.95 16.82 1.81
N SER A 350 28.19 15.75 2.07
CA SER A 350 27.18 15.66 3.13
C SER A 350 25.97 16.54 2.89
N THR A 351 25.97 17.35 1.82
CA THR A 351 24.81 18.14 1.43
C THR A 351 24.19 17.66 0.14
N PHE A 352 25.01 17.28 -0.84
CA PHE A 352 24.49 16.68 -2.06
C PHE A 352 23.77 15.37 -1.78
N TRP A 353 24.32 14.55 -0.87
CA TRP A 353 23.69 13.28 -0.54
C TRP A 353 22.38 13.49 0.21
N ALA A 354 22.31 14.52 1.07
CA ALA A 354 21.09 14.77 1.82
C ALA A 354 19.95 15.19 0.89
N VAL A 355 20.24 15.99 -0.13
CA VAL A 355 19.18 16.47 -1.01
C VAL A 355 18.63 15.33 -1.86
N VAL A 356 19.51 14.51 -2.44
CA VAL A 356 19.06 13.47 -3.36
C VAL A 356 18.29 12.37 -2.63
N PHE A 357 18.67 12.06 -1.39
CA PHE A 357 18.01 10.99 -0.66
C PHE A 357 16.55 11.32 -0.37
N PHE A 358 16.28 12.55 0.09
CA PHE A 358 14.92 12.92 0.44
C PHE A 358 14.10 13.35 -0.77
N VAL A 359 14.74 13.64 -1.90
CA VAL A 359 14.00 13.80 -3.15
C VAL A 359 13.46 12.46 -3.61
N MET A 360 14.23 11.39 -3.42
CA MET A 360 13.78 10.06 -3.81
C MET A 360 12.56 9.63 -3.01
N LEU A 361 12.54 9.92 -1.71
CA LEU A 361 11.40 9.55 -0.88
C LEU A 361 10.13 10.25 -1.34
N LEU A 362 10.23 11.53 -1.73
CA LEU A 362 9.06 12.25 -2.21
C LEU A 362 8.51 11.63 -3.49
N ALA A 363 9.40 11.22 -4.39
CA ALA A 363 8.95 10.59 -5.63
C ALA A 363 8.35 9.21 -5.37
N LEU A 364 8.78 8.53 -4.31
CA LEU A 364 8.23 7.21 -4.00
C LEU A 364 6.79 7.33 -3.51
N GLY A 365 6.52 8.27 -2.60
CA GLY A 365 5.22 8.36 -1.97
C GLY A 365 4.17 9.13 -2.75
N LEU A 366 4.59 10.02 -3.64
CA LEU A 366 3.61 10.84 -4.37
C LEU A 366 2.79 10.02 -5.35
N ASP A 367 3.39 9.00 -5.98
CA ASP A 367 2.66 8.18 -6.93
C ASP A 367 1.60 7.33 -6.23
N SER A 368 1.90 6.84 -5.03
CA SER A 368 0.95 5.99 -4.31
C SER A 368 -0.23 6.80 -3.78
N SER A 369 0.01 8.05 -3.39
CA SER A 369 -1.09 8.91 -2.95
C SER A 369 -2.01 9.28 -4.11
N MET A 370 -1.43 9.52 -5.29
CA MET A 370 -2.24 9.83 -6.46
C MET A 370 -3.10 8.63 -6.86
N GLY A 371 -2.54 7.42 -6.80
CA GLY A 371 -3.29 6.24 -7.19
C GLY A 371 -4.45 5.95 -6.26
N GLY A 372 -4.25 6.12 -4.96
CA GLY A 372 -5.32 5.87 -4.01
C GLY A 372 -6.46 6.86 -4.14
N MET A 373 -6.14 8.13 -4.40
CA MET A 373 -7.18 9.15 -4.52
C MET A 373 -7.98 8.99 -5.81
N GLU A 374 -7.36 8.48 -6.87
CA GLU A 374 -8.08 8.26 -8.11
C GLU A 374 -9.08 7.12 -7.98
N ALA A 375 -8.80 6.15 -7.11
CA ALA A 375 -9.74 5.06 -6.87
C ALA A 375 -11.03 5.55 -6.22
N VAL A 376 -11.01 6.71 -5.59
CA VAL A 376 -12.22 7.28 -4.99
C VAL A 376 -12.96 8.17 -5.97
N ILE A 377 -12.23 9.01 -6.72
CA ILE A 377 -12.88 9.91 -7.67
C ILE A 377 -13.50 9.12 -8.81
N THR A 378 -12.74 8.19 -9.39
CA THR A 378 -13.27 7.38 -10.49
C THR A 378 -14.38 6.46 -10.02
N GLY A 379 -14.24 5.87 -8.84
CA GLY A 379 -15.27 4.98 -8.34
C GLY A 379 -16.58 5.69 -8.03
N LEU A 380 -16.49 6.89 -7.45
CA LEU A 380 -17.70 7.60 -7.04
C LEU A 380 -18.33 8.38 -8.19
N ALA A 381 -17.53 8.92 -9.11
CA ALA A 381 -18.09 9.65 -10.24
C ALA A 381 -18.82 8.72 -11.21
N ASP A 382 -18.50 7.42 -11.20
CA ASP A 382 -19.21 6.47 -12.03
C ASP A 382 -20.50 5.97 -11.39
N ASP A 383 -20.74 6.31 -10.12
CA ASP A 383 -21.99 5.96 -9.45
C ASP A 383 -23.02 7.08 -9.55
N PHE A 384 -22.59 8.32 -9.37
CA PHE A 384 -23.45 9.49 -9.51
C PHE A 384 -23.02 10.26 -10.75
N GLN A 385 -23.97 10.50 -11.66
CA GLN A 385 -23.62 11.16 -12.93
C GLN A 385 -23.36 12.64 -12.75
N VAL A 386 -23.95 13.26 -11.71
CA VAL A 386 -23.72 14.68 -11.48
C VAL A 386 -22.26 14.95 -11.12
N LEU A 387 -21.65 14.03 -10.37
CA LEU A 387 -20.24 14.21 -10.01
C LEU A 387 -19.32 14.10 -11.21
N LYS A 388 -19.68 13.26 -12.18
CA LYS A 388 -18.85 13.12 -13.38
C LYS A 388 -18.82 14.40 -14.19
N ARG A 389 -19.87 15.22 -14.10
CA ARG A 389 -19.94 16.45 -14.87
C ARG A 389 -19.17 17.60 -14.24
N HIS A 390 -18.76 17.48 -12.98
CA HIS A 390 -17.98 18.51 -12.28
C HIS A 390 -16.75 17.83 -11.68
N ARG A 391 -15.69 17.71 -12.49
CA ARG A 391 -14.47 17.06 -12.02
C ARG A 391 -13.64 17.99 -11.14
N LYS A 392 -13.55 19.27 -11.51
CA LYS A 392 -12.71 20.20 -10.76
C LYS A 392 -13.28 20.47 -9.38
N LEU A 393 -14.61 20.60 -9.26
CA LEU A 393 -15.22 20.84 -7.97
C LEU A 393 -15.22 19.59 -7.09
N PHE A 394 -15.45 18.43 -7.70
CA PHE A 394 -15.44 17.19 -6.92
C PHE A 394 -14.05 16.87 -6.41
N THR A 395 -13.01 17.15 -7.22
CA THR A 395 -11.64 16.93 -6.76
C THR A 395 -11.29 17.85 -5.60
N PHE A 396 -11.88 19.05 -5.56
CA PHE A 396 -11.67 19.95 -4.44
C PHE A 396 -12.26 19.38 -3.15
N GLY A 397 -13.41 18.71 -3.25
CA GLY A 397 -14.04 18.16 -2.07
C GLY A 397 -13.26 17.01 -1.45
N VAL A 398 -12.69 16.15 -2.28
CA VAL A 398 -11.98 14.98 -1.77
C VAL A 398 -10.67 15.41 -1.09
N THR A 399 -9.92 16.33 -1.72
CA THR A 399 -8.64 16.75 -1.15
C THR A 399 -8.84 17.60 0.09
N PHE A 400 -9.84 18.48 0.09
CA PHE A 400 -10.07 19.34 1.24
C PHE A 400 -10.49 18.53 2.46
N SER A 401 -11.29 17.48 2.27
CA SER A 401 -11.67 16.62 3.38
C SER A 401 -10.46 15.85 3.90
N THR A 402 -9.57 15.43 3.02
CA THR A 402 -8.35 14.75 3.45
C THR A 402 -7.47 15.67 4.28
N PHE A 403 -7.33 16.92 3.85
CA PHE A 403 -6.51 17.88 4.61
C PHE A 403 -7.10 18.16 5.98
N LEU A 404 -8.43 18.31 6.06
CA LEU A 404 -9.06 18.62 7.33
C LEU A 404 -8.94 17.46 8.32
N LEU A 405 -9.21 16.24 7.86
CA LEU A 405 -9.19 15.09 8.75
C LEU A 405 -7.79 14.56 9.03
N ALA A 406 -6.78 15.03 8.30
CA ALA A 406 -5.39 14.69 8.59
C ALA A 406 -4.77 15.61 9.62
N LEU A 407 -5.51 16.61 10.11
CA LEU A 407 -4.99 17.52 11.14
C LEU A 407 -4.81 16.83 12.47
N PHE A 408 -5.41 15.66 12.68
CA PHE A 408 -5.24 14.91 13.91
C PHE A 408 -3.87 14.23 13.99
N CYS A 409 -3.24 13.94 12.86
CA CYS A 409 -1.97 13.23 12.82
C CYS A 409 -0.76 14.16 12.85
N ILE A 410 -0.96 15.48 12.79
CA ILE A 410 0.14 16.43 12.90
C ILE A 410 0.12 17.15 14.23
N THR A 411 -0.67 16.68 15.19
CA THR A 411 -0.67 17.24 16.53
C THR A 411 0.57 16.77 17.29
N LYS A 412 0.70 17.23 18.54
CA LYS A 412 1.84 16.84 19.35
C LYS A 412 1.86 15.34 19.62
N GLY A 413 0.70 14.76 19.88
CA GLY A 413 0.59 13.32 20.02
C GLY A 413 0.11 12.66 18.74
N GLY A 414 0.63 13.13 17.60
CA GLY A 414 0.12 12.69 16.32
C GLY A 414 0.51 11.27 15.95
N ILE A 415 1.63 10.77 16.48
CA ILE A 415 2.04 9.42 16.14
C ILE A 415 1.18 8.37 16.83
N TYR A 416 0.53 8.72 17.94
CA TYR A 416 -0.40 7.79 18.57
C TYR A 416 -1.64 7.59 17.73
N VAL A 417 -2.15 8.66 17.12
CA VAL A 417 -3.31 8.55 16.24
C VAL A 417 -2.92 7.84 14.95
N LEU A 418 -1.73 8.13 14.43
CA LEU A 418 -1.29 7.49 13.19
C LEU A 418 -1.09 6.00 13.37
N THR A 419 -0.61 5.57 14.54
CA THR A 419 -0.46 4.15 14.82
C THR A 419 -1.82 3.45 14.85
N LEU A 420 -2.82 4.09 15.45
CA LEU A 420 -4.15 3.49 15.52
C LEU A 420 -4.76 3.31 14.13
N LEU A 421 -4.63 4.32 13.28
CA LEU A 421 -5.20 4.23 11.94
C LEU A 421 -4.47 3.22 11.08
N ASP A 422 -3.15 3.08 11.24
CA ASP A 422 -2.39 2.17 10.41
C ASP A 422 -2.75 0.71 10.67
N THR A 423 -3.10 0.37 11.91
CA THR A 423 -3.39 -1.02 12.25
C THR A 423 -4.77 -1.44 11.76
N PHE A 424 -5.76 -0.54 11.81
CA PHE A 424 -7.15 -0.93 11.64
C PHE A 424 -7.80 -0.47 10.34
N ALA A 425 -7.25 0.54 9.66
CA ALA A 425 -7.81 0.94 8.38
C ALA A 425 -7.66 -0.16 7.34
N ALA A 426 -6.45 -0.71 7.22
CA ALA A 426 -6.19 -1.87 6.40
C ALA A 426 -6.05 -3.11 7.29
N GLY A 427 -5.65 -4.23 6.70
CA GLY A 427 -5.48 -5.44 7.46
C GLY A 427 -6.61 -6.43 7.30
N THR A 428 -7.32 -6.73 8.40
CA THR A 428 -8.42 -7.68 8.34
C THR A 428 -9.54 -7.19 7.43
N SER A 429 -9.79 -5.88 7.41
CA SER A 429 -10.89 -5.34 6.61
C SER A 429 -10.60 -5.48 5.12
N ILE A 430 -9.40 -5.07 4.68
CA ILE A 430 -9.08 -5.14 3.25
C ILE A 430 -8.90 -6.59 2.81
N LEU A 431 -8.38 -7.45 3.69
CA LEU A 431 -8.25 -8.86 3.34
C LEU A 431 -9.63 -9.52 3.21
N PHE A 432 -10.61 -9.05 3.96
CA PHE A 432 -11.96 -9.62 3.87
C PHE A 432 -12.66 -9.19 2.58
N ALA A 433 -12.51 -7.93 2.20
CA ALA A 433 -13.19 -7.44 1.00
C ALA A 433 -12.64 -8.10 -0.27
N VAL A 434 -11.33 -8.29 -0.34
CA VAL A 434 -10.74 -8.94 -1.51
C VAL A 434 -11.17 -10.40 -1.58
N LEU A 435 -11.30 -11.06 -0.43
CA LEU A 435 -11.74 -12.44 -0.41
C LEU A 435 -13.16 -12.56 -0.97
N MET A 436 -14.04 -11.62 -0.62
CA MET A 436 -15.40 -11.65 -1.15
C MET A 436 -15.44 -11.31 -2.64
N GLU A 437 -14.55 -10.43 -3.10
CA GLU A 437 -14.53 -10.07 -4.51
C GLU A 437 -14.10 -11.25 -5.38
N ALA A 438 -13.11 -12.02 -4.93
CA ALA A 438 -12.67 -13.18 -5.70
C ALA A 438 -13.75 -14.27 -5.73
N ILE A 439 -14.51 -14.42 -4.65
CA ILE A 439 -15.57 -15.43 -4.62
C ILE A 439 -16.66 -15.10 -5.63
N GLY A 440 -17.05 -13.84 -5.72
CA GLY A 440 -18.12 -13.47 -6.64
C GLY A 440 -17.74 -13.64 -8.09
N VAL A 441 -16.53 -13.24 -8.46
CA VAL A 441 -16.10 -13.32 -9.84
C VAL A 441 -15.88 -14.78 -10.27
N SER A 442 -15.20 -15.55 -9.42
CA SER A 442 -14.83 -16.91 -9.80
C SER A 442 -16.01 -17.87 -9.75
N TRP A 443 -16.83 -17.79 -8.71
CA TRP A 443 -17.89 -18.76 -8.48
C TRP A 443 -19.26 -18.26 -8.93
N PHE A 444 -19.70 -17.13 -8.38
CA PHE A 444 -21.06 -16.67 -8.65
C PHE A 444 -21.20 -16.18 -10.09
N TYR A 445 -20.27 -15.34 -10.55
CA TYR A 445 -20.32 -14.89 -11.93
C TYR A 445 -19.96 -16.02 -12.89
N GLY A 446 -18.88 -16.73 -12.60
CA GLY A 446 -18.48 -17.87 -13.43
C GLY A 446 -17.10 -17.68 -14.02
N VAL A 447 -16.24 -18.66 -13.79
CA VAL A 447 -14.91 -18.64 -14.39
C VAL A 447 -15.00 -18.85 -15.89
N ASP A 448 -15.92 -19.71 -16.34
CA ASP A 448 -16.09 -19.96 -17.77
C ASP A 448 -16.52 -18.70 -18.51
N ARG A 449 -17.44 -17.92 -17.92
CA ARG A 449 -17.83 -16.66 -18.53
C ARG A 449 -16.68 -15.66 -18.55
N PHE A 450 -15.87 -15.65 -17.49
CA PHE A 450 -14.76 -14.72 -17.41
C PHE A 450 -13.74 -14.99 -18.52
N SER A 451 -13.48 -16.26 -18.83
CA SER A 451 -12.52 -16.59 -19.87
C SER A 451 -13.08 -16.29 -21.26
N ASN A 452 -14.40 -16.37 -21.44
CA ASN A 452 -14.99 -16.02 -22.73
C ASN A 452 -14.87 -14.53 -23.01
N ASP A 453 -14.84 -13.71 -21.96
CA ASP A 453 -14.69 -12.27 -22.14
C ASP A 453 -13.25 -11.90 -22.49
N ILE A 454 -12.27 -12.59 -21.91
CA ILE A 454 -10.87 -12.32 -22.23
C ILE A 454 -10.59 -12.69 -23.69
N GLN A 455 -11.10 -13.83 -24.14
CA GLN A 455 -10.95 -14.22 -25.54
C GLN A 455 -11.67 -13.28 -26.48
N GLN A 456 -12.65 -12.52 -25.99
CA GLN A 456 -13.36 -11.57 -26.83
C GLN A 456 -12.48 -10.39 -27.21
N MET A 457 -11.56 -10.00 -26.34
CA MET A 457 -10.70 -8.84 -26.61
C MET A 457 -9.34 -9.21 -27.18
N MET A 458 -8.73 -10.28 -26.68
CA MET A 458 -7.40 -10.67 -27.10
C MET A 458 -7.41 -11.73 -28.20
N GLY A 459 -8.33 -12.68 -28.13
CA GLY A 459 -8.42 -13.74 -29.11
C GLY A 459 -7.84 -15.07 -28.67
N PHE A 460 -7.36 -15.19 -27.44
CA PHE A 460 -6.83 -16.43 -26.91
C PHE A 460 -7.45 -16.70 -25.55
N ARG A 461 -7.79 -17.96 -25.30
CA ARG A 461 -8.32 -18.34 -24.00
C ARG A 461 -7.18 -18.46 -22.99
N PRO A 462 -7.41 -18.08 -21.72
CA PRO A 462 -6.31 -18.06 -20.72
C PRO A 462 -5.56 -19.38 -20.58
N GLY A 463 -6.26 -20.46 -20.25
CA GLY A 463 -5.64 -21.76 -20.08
C GLY A 463 -6.09 -22.43 -18.80
N LEU A 464 -5.60 -23.65 -18.61
CA LEU A 464 -6.00 -24.45 -17.45
C LEU A 464 -5.34 -23.96 -16.18
N TYR A 465 -4.07 -23.57 -16.25
CA TYR A 465 -3.37 -23.12 -15.05
C TYR A 465 -3.98 -21.86 -14.47
N TRP A 466 -4.34 -20.90 -15.32
CA TRP A 466 -4.91 -19.65 -14.82
C TRP A 466 -6.32 -19.85 -14.29
N ARG A 467 -7.10 -20.72 -14.94
CA ARG A 467 -8.46 -20.99 -14.47
C ARG A 467 -8.46 -21.72 -13.13
N LEU A 468 -7.46 -22.57 -12.89
CA LEU A 468 -7.41 -23.29 -11.62
C LEU A 468 -6.98 -22.38 -10.48
N CYS A 469 -6.12 -21.39 -10.75
CA CYS A 469 -5.65 -20.50 -9.70
C CYS A 469 -6.71 -19.49 -9.30
N TRP A 470 -7.61 -19.11 -10.22
CA TRP A 470 -8.63 -18.13 -9.90
C TRP A 470 -9.74 -18.70 -9.05
N LYS A 471 -10.07 -19.99 -9.22
CA LYS A 471 -11.22 -20.59 -8.56
C LYS A 471 -10.89 -21.31 -7.27
N PHE A 472 -9.69 -21.90 -7.16
CA PHE A 472 -9.35 -22.72 -6.01
C PHE A 472 -8.18 -22.17 -5.20
N VAL A 473 -7.11 -21.75 -5.86
CA VAL A 473 -5.87 -21.44 -5.14
C VAL A 473 -5.93 -20.03 -4.55
N SER A 474 -6.34 -19.05 -5.34
CA SER A 474 -6.41 -17.67 -4.83
C SER A 474 -7.41 -17.51 -3.69
N PRO A 475 -8.65 -18.01 -3.78
CA PRO A 475 -9.54 -17.92 -2.60
C PRO A 475 -9.00 -18.63 -1.37
N ALA A 476 -8.30 -19.75 -1.55
CA ALA A 476 -7.76 -20.47 -0.40
C ALA A 476 -6.57 -19.73 0.21
N PHE A 477 -5.75 -19.08 -0.61
CA PHE A 477 -4.64 -18.30 -0.09
C PHE A 477 -5.12 -17.10 0.71
N LEU A 478 -6.16 -16.42 0.20
CA LEU A 478 -6.70 -15.26 0.91
C LEU A 478 -7.31 -15.67 2.24
N LEU A 479 -8.01 -16.82 2.28
CA LEU A 479 -8.62 -17.28 3.52
C LEU A 479 -7.56 -17.63 4.57
N PHE A 480 -6.39 -18.09 4.13
CA PHE A 480 -5.33 -18.43 5.07
C PHE A 480 -4.74 -17.19 5.72
N VAL A 481 -4.75 -16.06 5.01
CA VAL A 481 -4.20 -14.83 5.58
C VAL A 481 -5.22 -14.13 6.47
N VAL A 482 -6.51 -14.27 6.16
CA VAL A 482 -7.54 -13.63 6.99
C VAL A 482 -7.60 -14.27 8.37
N VAL A 483 -7.60 -15.60 8.42
CA VAL A 483 -7.68 -16.30 9.70
C VAL A 483 -6.44 -16.05 10.54
N VAL A 484 -5.26 -16.07 9.91
CA VAL A 484 -4.02 -15.88 10.65
C VAL A 484 -3.95 -14.48 11.25
N SER A 485 -4.45 -13.48 10.52
CA SER A 485 -4.40 -12.11 11.01
C SER A 485 -5.20 -11.94 12.29
N ILE A 486 -6.37 -12.58 12.37
CA ILE A 486 -7.19 -12.49 13.57
C ILE A 486 -6.52 -13.20 14.75
N ILE A 487 -5.97 -14.40 14.50
CA ILE A 487 -5.36 -15.17 15.58
C ILE A 487 -4.15 -14.44 16.15
N ASN A 488 -3.30 -13.89 15.29
CA ASN A 488 -2.09 -13.20 15.72
C ASN A 488 -2.34 -11.69 15.83
N PHE A 489 -3.19 -11.33 16.78
CA PHE A 489 -3.52 -9.94 17.06
C PHE A 489 -3.15 -9.62 18.50
N LYS A 490 -2.51 -8.47 18.71
CA LYS A 490 -2.08 -8.03 20.02
C LYS A 490 -2.61 -6.63 20.29
N PRO A 491 -2.79 -6.27 21.56
CA PRO A 491 -3.29 -4.92 21.88
C PRO A 491 -2.30 -3.84 21.48
N LEU A 492 -2.83 -2.63 21.30
CA LEU A 492 -2.05 -1.53 20.76
C LEU A 492 -0.96 -1.08 21.71
N THR A 493 0.22 -0.81 21.16
CA THR A 493 1.36 -0.29 21.89
C THR A 493 2.19 0.58 20.96
N TYR A 494 3.00 1.45 21.55
CA TYR A 494 4.00 2.22 20.82
C TYR A 494 5.22 2.38 21.70
N ASP A 495 6.34 1.79 21.27
CA ASP A 495 7.56 1.76 22.06
C ASP A 495 7.29 1.16 23.44
N ASP A 496 7.39 1.99 24.49
CA ASP A 496 7.12 1.56 25.85
C ASP A 496 5.79 2.11 26.36
N TYR A 497 4.92 2.57 25.47
CA TYR A 497 3.63 3.14 25.85
C TYR A 497 2.53 2.14 25.53
N ILE A 498 1.69 1.86 26.52
CA ILE A 498 0.58 0.92 26.38
C ILE A 498 -0.71 1.73 26.26
N PHE A 499 -1.46 1.48 25.19
CA PHE A 499 -2.69 2.23 24.96
C PHE A 499 -3.73 1.87 26.01
N PRO A 500 -4.62 2.80 26.34
CA PRO A 500 -5.70 2.49 27.27
C PRO A 500 -6.66 1.48 26.63
N PRO A 501 -7.37 0.70 27.45
CA PRO A 501 -8.23 -0.36 26.88
C PRO A 501 -9.30 0.15 25.94
N TRP A 502 -9.87 1.33 26.19
CA TRP A 502 -10.93 1.83 25.34
C TRP A 502 -10.42 2.16 23.93
N ALA A 503 -9.13 2.46 23.80
CA ALA A 503 -8.57 2.77 22.49
C ALA A 503 -8.59 1.58 21.54
N ASN A 504 -8.64 0.36 22.09
CA ASN A 504 -8.76 -0.83 21.24
C ASN A 504 -10.18 -1.00 20.71
N TRP A 505 -11.18 -0.65 21.50
CA TRP A 505 -12.56 -0.74 21.03
C TRP A 505 -12.83 0.25 19.90
N VAL A 506 -12.27 1.46 19.99
CA VAL A 506 -12.40 2.43 18.92
C VAL A 506 -11.70 1.92 17.66
N GLY A 507 -10.57 1.26 17.83
CA GLY A 507 -9.87 0.71 16.67
C GLY A 507 -10.68 -0.34 15.94
N TRP A 508 -11.34 -1.22 16.68
CA TRP A 508 -12.18 -2.24 16.06
C TRP A 508 -13.43 -1.65 15.42
N GLY A 509 -13.90 -0.51 15.91
CA GLY A 509 -15.03 0.15 15.26
C GLY A 509 -14.69 0.67 13.87
N ILE A 510 -13.46 1.17 13.70
CA ILE A 510 -13.02 1.64 12.39
C ILE A 510 -12.95 0.48 11.41
N ALA A 511 -12.37 -0.64 11.83
CA ALA A 511 -12.24 -1.80 10.94
C ALA A 511 -13.61 -2.37 10.56
N LEU A 512 -14.53 -2.43 11.52
CA LEU A 512 -15.84 -3.01 11.25
C LEU A 512 -16.71 -2.12 10.38
N SER A 513 -16.39 -0.83 10.26
CA SER A 513 -17.21 0.07 9.45
C SER A 513 -17.21 -0.35 7.99
N SER A 514 -16.05 -0.75 7.47
CA SER A 514 -15.98 -1.20 6.08
C SER A 514 -16.58 -2.58 5.92
N MET A 515 -16.31 -3.49 6.86
CA MET A 515 -16.75 -4.88 6.71
C MET A 515 -18.27 -5.00 6.78
N VAL A 516 -18.92 -4.26 7.67
CA VAL A 516 -20.37 -4.37 7.84
C VAL A 516 -21.12 -3.90 6.61
N LEU A 517 -20.49 -3.11 5.74
CA LEU A 517 -21.16 -2.63 4.53
C LEU A 517 -21.56 -3.76 3.61
N VAL A 518 -20.77 -4.84 3.55
CA VAL A 518 -21.08 -5.94 2.63
C VAL A 518 -22.38 -6.64 3.00
N PRO A 519 -22.61 -7.09 4.24
CA PRO A 519 -23.93 -7.67 4.56
C PRO A 519 -25.08 -6.69 4.43
N ILE A 520 -24.84 -5.40 4.68
CA ILE A 520 -25.94 -4.43 4.72
C ILE A 520 -26.57 -4.27 3.33
N TYR A 521 -25.74 -4.18 2.29
CA TYR A 521 -26.27 -3.97 0.94
C TYR A 521 -27.11 -5.16 0.49
N VAL A 522 -26.82 -6.36 0.98
CA VAL A 522 -27.61 -7.54 0.61
C VAL A 522 -29.04 -7.38 1.12
N ILE A 523 -29.20 -6.90 2.35
CA ILE A 523 -30.53 -6.71 2.91
C ILE A 523 -31.29 -5.63 2.15
N TYR A 524 -30.62 -4.52 1.83
CA TYR A 524 -31.28 -3.43 1.10
C TYR A 524 -31.70 -3.87 -0.29
N LYS A 525 -30.82 -4.60 -0.98
CA LYS A 525 -31.14 -5.05 -2.34
C LYS A 525 -32.31 -6.03 -2.32
N PHE A 526 -32.34 -6.91 -1.33
CA PHE A 526 -33.44 -7.87 -1.23
C PHE A 526 -34.75 -7.19 -0.87
N LEU A 527 -34.72 -6.27 0.09
CA LEU A 527 -35.95 -5.66 0.60
C LEU A 527 -36.52 -4.59 -0.32
N SER A 528 -35.79 -4.16 -1.34
CA SER A 528 -36.28 -3.11 -2.22
C SER A 528 -36.97 -3.66 -3.46
N THR A 529 -36.40 -4.67 -4.09
CA THR A 529 -37.00 -5.25 -5.28
C THR A 529 -38.26 -6.04 -4.93
N GLN A 530 -39.22 -6.02 -5.86
CA GLN A 530 -40.48 -6.71 -5.68
C GLN A 530 -40.45 -8.07 -6.35
N GLY A 531 -41.48 -8.87 -6.08
CA GLY A 531 -41.63 -10.19 -6.64
C GLY A 531 -41.77 -11.24 -5.57
N SER A 532 -41.80 -12.50 -6.00
CA SER A 532 -41.91 -13.62 -5.09
C SER A 532 -40.59 -13.83 -4.35
N LEU A 533 -40.62 -14.74 -3.37
CA LEU A 533 -39.43 -15.02 -2.58
C LEU A 533 -38.29 -15.55 -3.46
N TRP A 534 -38.61 -16.45 -4.39
CA TRP A 534 -37.61 -16.98 -5.31
C TRP A 534 -37.36 -16.06 -6.50
N GLU A 535 -38.12 -14.99 -6.64
CA GLU A 535 -37.88 -14.02 -7.71
C GLU A 535 -36.88 -12.94 -7.30
N ARG A 536 -37.01 -12.43 -6.07
CA ARG A 536 -36.05 -11.44 -5.58
C ARG A 536 -34.65 -12.02 -5.51
N LEU A 537 -34.54 -13.34 -5.33
CA LEU A 537 -33.23 -13.98 -5.27
C LEU A 537 -32.59 -14.08 -6.65
N ALA A 538 -33.40 -14.24 -7.70
CA ALA A 538 -32.85 -14.42 -9.04
C ALA A 538 -32.35 -13.10 -9.63
N TYR A 539 -33.03 -11.99 -9.35
CA TYR A 539 -32.61 -10.70 -9.89
C TYR A 539 -31.25 -10.29 -9.34
N GLY A 540 -30.98 -10.58 -8.07
CA GLY A 540 -29.74 -10.17 -7.44
C GLY A 540 -28.53 -10.99 -7.78
N ILE A 541 -28.70 -12.06 -8.56
CA ILE A 541 -27.58 -12.92 -8.94
C ILE A 541 -27.31 -12.93 -10.44
N THR A 542 -28.23 -12.46 -11.27
CA THR A 542 -28.22 -12.32 -12.72
C THR A 542 -27.63 -10.97 -13.13
N PRO A 543 -26.78 -10.94 -14.15
CA PRO A 543 -26.23 -9.65 -14.61
C PRO A 543 -27.32 -8.72 -15.09
N GLU A 544 -27.06 -7.41 -14.94
CA GLU A 544 -28.09 -6.41 -15.22
C GLU A 544 -28.51 -6.42 -16.70
N ASN A 545 -27.62 -6.82 -17.59
CA ASN A 545 -27.94 -6.87 -19.02
C ASN A 545 -28.60 -8.18 -19.43
N GLU A 546 -28.83 -9.09 -18.50
CA GLU A 546 -29.48 -10.36 -18.78
C GLU A 546 -30.71 -10.57 -17.89
N HIS A 547 -31.42 -9.48 -17.57
CA HIS A 547 -32.57 -9.57 -16.68
C HIS A 547 -33.81 -10.10 -17.38
N HIS A 548 -33.85 -10.07 -18.72
CA HIS A 548 -35.07 -10.47 -19.43
C HIS A 548 -35.35 -11.95 -19.29
N LEU A 549 -34.32 -12.77 -19.08
CA LEU A 549 -34.47 -14.22 -18.96
C LEU A 549 -34.84 -14.66 -17.55
N VAL A 550 -34.90 -13.74 -16.58
CA VAL A 550 -35.31 -14.11 -15.23
C VAL A 550 -36.76 -14.57 -15.24
N ALA A 551 -37.64 -13.84 -15.93
CA ALA A 551 -39.05 -14.22 -16.01
C ALA A 551 -39.28 -15.42 -16.91
N GLN A 552 -38.28 -15.85 -17.68
CA GLN A 552 -38.41 -16.99 -18.57
C GLN A 552 -38.10 -18.31 -17.89
N ARG A 553 -37.77 -18.28 -16.60
CA ARG A 553 -37.54 -19.48 -15.79
C ARG A 553 -36.38 -20.31 -16.34
N ASP A 554 -35.25 -19.64 -16.59
CA ASP A 554 -34.02 -20.31 -16.99
C ASP A 554 -32.85 -19.50 -16.43
N ILE A 555 -32.37 -19.91 -15.25
CA ILE A 555 -31.29 -19.22 -14.55
C ILE A 555 -30.09 -20.14 -14.52
N ARG A 556 -28.94 -19.64 -14.97
CA ARG A 556 -27.72 -20.46 -15.02
C ARG A 556 -27.29 -20.90 -13.64
N GLN A 557 -27.33 -20.00 -12.66
CA GLN A 557 -26.81 -20.32 -11.33
C GLN A 557 -27.67 -21.33 -10.57
N PHE A 558 -28.85 -21.66 -11.08
CA PHE A 558 -29.78 -22.55 -10.39
C PHE A 558 -29.61 -24.01 -10.80
N GLN A 559 -28.62 -24.33 -11.62
CA GLN A 559 -28.33 -25.69 -12.05
C GLN A 559 -26.98 -26.12 -11.51
N LEU A 560 -26.88 -27.40 -11.14
CA LEU A 560 -25.65 -27.92 -10.55
C LEU A 560 -24.48 -27.90 -11.52
N GLN A 561 -24.75 -27.89 -12.83
CA GLN A 561 -23.67 -27.89 -13.81
C GLN A 561 -22.84 -26.61 -13.73
N HIS A 562 -23.45 -25.50 -13.33
CA HIS A 562 -22.72 -24.24 -13.24
C HIS A 562 -21.63 -24.30 -12.18
N TRP A 563 -21.93 -24.88 -11.01
CA TRP A 563 -21.00 -24.86 -9.89
C TRP A 563 -19.90 -25.91 -9.99
N LEU A 564 -20.00 -26.83 -10.94
CA LEU A 564 -18.99 -27.87 -11.11
C LEU A 564 -17.95 -27.53 -12.17
N ALA A 565 -18.02 -26.35 -12.76
CA ALA A 565 -17.03 -25.95 -13.76
C ALA A 565 -15.67 -25.78 -13.11
N ILE A 566 -14.62 -26.15 -13.83
CA ILE A 566 -13.26 -26.06 -13.31
C ILE A 566 -12.47 -25.04 -14.10
N TYR B 1 8.22 -12.03 11.41
CA TYR B 1 9.17 -12.16 12.51
C TYR B 1 8.43 -12.20 13.85
N ARG B 2 9.11 -12.65 14.89
CA ARG B 2 8.52 -12.80 16.21
C ARG B 2 8.91 -11.62 17.09
N GLY B 3 7.92 -11.05 17.78
CA GLY B 3 8.14 -9.88 18.60
C GLY B 3 8.02 -8.56 17.87
N LEU B 4 7.61 -8.56 16.61
CA LEU B 4 7.45 -7.34 15.84
C LEU B 4 6.15 -7.42 15.06
N CYS B 5 5.22 -6.52 15.34
CA CYS B 5 3.92 -6.49 14.69
C CYS B 5 3.94 -5.43 13.59
N CYS B 6 3.66 -5.85 12.35
CA CYS B 6 3.74 -4.98 11.19
C CYS B 6 2.35 -4.79 10.60
N GLY B 7 1.99 -3.53 10.36
CA GLY B 7 0.72 -3.21 9.73
C GLY B 7 0.90 -2.29 8.55
N 0A1 B 8 0.47 -2.76 7.38
CA 0A1 B 8 0.50 -1.98 6.14
CB 0A1 B 8 -0.65 -0.97 6.12
CG 0A1 B 8 -1.06 -0.72 4.68
CD1 0A1 B 8 -0.61 -1.54 3.66
CE1 0A1 B 8 -0.99 -1.30 2.35
CZ 0A1 B 8 -1.83 -0.25 2.05
OH 0A1 B 8 -2.23 0.00 0.73
CM 0A1 B 8 -1.48 -0.66 -0.24
CE2 0A1 B 8 -2.29 0.58 3.07
CD2 0A1 B 8 -1.91 0.34 4.38
C 0A1 B 8 1.83 -1.25 5.89
O 0A1 B 8 2.58 -1.66 5.08
N LYS B 9 2.06 -0.16 6.61
CA LYS B 9 3.19 0.71 6.30
C LYS B 9 4.21 0.86 7.44
N LEU B 10 3.85 0.46 8.66
CA LEU B 10 4.75 0.66 9.80
C LEU B 10 4.73 -0.55 10.71
N CYS B 11 5.83 -0.73 11.43
CA CYS B 11 5.99 -1.85 12.35
C CYS B 11 6.30 -1.32 13.75
N ARG B 12 5.68 -2.02 14.72
CA ARG B 12 5.82 -1.65 16.11
C ARG B 12 6.23 -2.87 17.00
N HYP B 13 6.99 -2.67 18.12
CA HYP B 13 7.38 -3.77 19.04
C HYP B 13 6.20 -4.27 19.95
O HYP B 13 5.81 -3.58 20.90
CB HYP B 13 8.55 -3.28 19.91
CG HYP B 13 9.11 -2.04 19.20
CD HYP B 13 7.87 -1.51 18.44
OD1 HYP B 13 10.22 -2.27 18.38
N CYS B 14 5.67 -5.45 19.64
CA CYS B 14 4.56 -6.02 20.40
C CYS B 14 5.03 -7.19 21.27
N NH2 B 15 6.42 -4.69 23.91
CL CL C . 7.98 -6.02 -1.56
NA NA D . 5.28 -2.28 -3.43
NA NA E . 4.77 5.08 -5.38
#